data_6D4P
#
_entry.id   6D4P
#
_cell.length_a   51.120
_cell.length_b   52.565
_cell.length_c   96.748
_cell.angle_alpha   90.000
_cell.angle_beta   90.000
_cell.angle_gamma   90.000
#
_symmetry.space_group_name_H-M   'P 21 21 21'
#
loop_
_entity.id
_entity.type
_entity.pdbx_description
1 polymer 'Ubiquitin-conjugating enzyme E2 D1'
2 polymer 'Ubiquitin Variant Ubv.D1.1'
3 water water
#
loop_
_entity_poly.entity_id
_entity_poly.type
_entity_poly.pdbx_seq_one_letter_code
_entity_poly.pdbx_strand_id
1 'polypeptide(L)'
;GAMALKRIQKELSDLQRDPPAHCSAGPVGDDLFHWQATIMGPPDSAYQGGVFFLTVHFPTDYPFKPPKIAFTTKIYHPNI
NSNGSICLDILRSQWSPALTVSKVLLSICSLLCDPNPDDPLVPDIAQIYKSDKEKYNRHAREWTQKYAM
;
A
2 'polypeptide(L)'
;GAGGDYKDDDDKMQIFVKKFWGKTITLEVEPSDTIENVKAKIQDKEGIPPDQQRLIFAGKQLEDGRTLSDYNIQKKFTLY
LAYGLRAG
;
C
#
# COMPACT_ATOMS: atom_id res chain seq x y z
N GLY A 1 -7.23 -23.98 -8.21
CA GLY A 1 -7.27 -23.19 -6.95
C GLY A 1 -8.60 -22.49 -6.75
N ALA A 2 -9.69 -23.22 -6.97
CA ALA A 2 -11.02 -22.61 -6.90
C ALA A 2 -11.35 -22.19 -5.46
N MET A 3 -11.03 -23.03 -4.47
CA MET A 3 -11.26 -22.63 -3.10
C MET A 3 -10.34 -21.48 -2.69
N ALA A 4 -9.11 -21.47 -3.20
CA ALA A 4 -8.26 -20.30 -3.01
C ALA A 4 -8.88 -19.07 -3.69
N LEU A 5 -9.41 -19.26 -4.89
CA LEU A 5 -10.04 -18.14 -5.60
C LEU A 5 -11.21 -17.58 -4.81
N LYS A 6 -12.07 -18.46 -4.27
CA LYS A 6 -13.21 -17.99 -3.50
C LYS A 6 -12.76 -17.19 -2.29
N ARG A 7 -11.67 -17.61 -1.64
CA ARG A 7 -11.17 -16.90 -0.48
C ARG A 7 -10.50 -15.60 -0.88
N ILE A 8 -9.81 -15.59 -2.03
CA ILE A 8 -9.22 -14.36 -2.53
C ILE A 8 -10.31 -13.36 -2.88
N GLN A 9 -11.38 -13.81 -3.54
CA GLN A 9 -12.49 -12.93 -3.85
C GLN A 9 -13.10 -12.34 -2.59
N LYS A 10 -13.18 -13.13 -1.51
CA LYS A 10 -13.75 -12.64 -0.26
C LYS A 10 -12.88 -11.55 0.36
N GLU A 11 -11.56 -11.77 0.41
CA GLU A 11 -10.66 -10.73 0.91
C GLU A 11 -10.77 -9.48 0.07
N LEU A 12 -10.79 -9.62 -1.26
CA LEU A 12 -10.97 -8.47 -2.13
C LEU A 12 -12.26 -7.73 -1.80
N SER A 13 -13.36 -8.46 -1.70
CA SER A 13 -14.64 -7.84 -1.38
C SER A 13 -14.60 -7.14 -0.02
N ASP A 14 -13.92 -7.75 0.95
CA ASP A 14 -13.82 -7.14 2.28
C ASP A 14 -13.06 -5.83 2.22
N LEU A 15 -12.01 -5.76 1.39
CA LEU A 15 -11.28 -4.51 1.22
C LEU A 15 -12.19 -3.42 0.66
N GLN A 16 -13.10 -3.79 -0.24
CA GLN A 16 -14.01 -2.81 -0.84
C GLN A 16 -15.09 -2.39 0.14
N ARG A 17 -15.67 -3.33 0.87
CA ARG A 17 -16.75 -3.01 1.79
C ARG A 17 -16.26 -2.24 3.01
N ASP A 18 -15.03 -2.49 3.45
CA ASP A 18 -14.47 -1.86 4.65
C ASP A 18 -13.02 -1.48 4.38
N PRO A 19 -12.78 -0.45 3.57
CA PRO A 19 -11.41 -0.08 3.20
C PRO A 19 -10.56 0.20 4.42
N PRO A 20 -9.45 -0.53 4.60
CA PRO A 20 -8.56 -0.23 5.72
C PRO A 20 -7.72 1.01 5.45
N ALA A 21 -7.24 1.60 6.55
CA ALA A 21 -6.53 2.87 6.46
C ALA A 21 -5.05 2.71 6.11
N HIS A 22 -4.53 1.48 6.11
CA HIS A 22 -3.10 1.27 5.94
C HIS A 22 -2.71 0.71 4.58
N CYS A 23 -3.66 0.35 3.72
CA CYS A 23 -3.29 -0.30 2.48
C CYS A 23 -4.40 -0.19 1.44
N SER A 24 -4.00 -0.24 0.18
CA SER A 24 -4.90 -0.36 -0.96
C SER A 24 -4.34 -1.42 -1.89
N ALA A 25 -5.19 -2.33 -2.36
CA ALA A 25 -4.69 -3.46 -3.13
C ALA A 25 -5.78 -4.00 -4.03
N GLY A 26 -5.34 -4.73 -5.06
CA GLY A 26 -6.23 -5.36 -6.00
C GLY A 26 -5.46 -6.10 -7.08
N PRO A 27 -6.16 -6.88 -7.90
CA PRO A 27 -5.49 -7.63 -8.96
C PRO A 27 -4.67 -6.73 -9.87
N VAL A 28 -3.56 -7.28 -10.37
CA VAL A 28 -2.75 -6.58 -11.37
C VAL A 28 -3.55 -6.46 -12.67
N GLY A 29 -4.01 -7.59 -13.19
CA GLY A 29 -4.84 -7.61 -14.39
C GLY A 29 -6.12 -8.37 -14.18
N ASP A 30 -6.35 -9.39 -14.98
CA ASP A 30 -7.53 -10.24 -14.86
C ASP A 30 -7.30 -11.46 -13.98
N ASP A 31 -6.12 -11.58 -13.37
CA ASP A 31 -5.72 -12.76 -12.61
C ASP A 31 -5.77 -12.43 -11.13
N LEU A 32 -6.79 -12.93 -10.42
CA LEU A 32 -6.95 -12.65 -9.01
C LEU A 32 -5.78 -13.17 -8.18
N PHE A 33 -5.01 -14.12 -8.70
CA PHE A 33 -3.90 -14.70 -7.96
C PHE A 33 -2.65 -13.82 -7.95
N HIS A 34 -2.70 -12.65 -8.59
CA HIS A 34 -1.56 -11.73 -8.62
C HIS A 34 -2.08 -10.32 -8.35
N TRP A 35 -1.70 -9.76 -7.21
CA TRP A 35 -2.14 -8.43 -6.81
C TRP A 35 -0.98 -7.45 -6.79
N GLN A 36 -1.33 -6.18 -6.80
CA GLN A 36 -0.43 -5.09 -6.45
C GLN A 36 -1.01 -4.38 -5.24
N ALA A 37 -0.14 -3.93 -4.33
CA ALA A 37 -0.58 -3.30 -3.10
C ALA A 37 0.23 -2.04 -2.85
N THR A 38 -0.39 -1.08 -2.15
CA THR A 38 0.26 0.18 -1.78
C THR A 38 0.09 0.39 -0.28
N ILE A 39 1.19 0.69 0.40
CA ILE A 39 1.17 1.14 1.78
C ILE A 39 1.94 2.45 1.84
N MET A 40 1.67 3.23 2.89
CA MET A 40 2.46 4.41 3.19
C MET A 40 3.27 4.17 4.45
N GLY A 41 4.44 4.80 4.52
CA GLY A 41 5.25 4.74 5.71
C GLY A 41 4.42 5.12 6.93
N PRO A 42 4.59 4.40 8.03
CA PRO A 42 3.79 4.72 9.22
C PRO A 42 4.03 6.16 9.65
N PRO A 43 3.03 6.80 10.25
CA PRO A 43 3.22 8.18 10.72
C PRO A 43 4.36 8.28 11.71
N ASP A 44 5.10 9.39 11.62
CA ASP A 44 6.17 9.72 12.54
C ASP A 44 7.34 8.74 12.46
N SER A 45 7.49 8.06 11.33
CA SER A 45 8.65 7.21 11.07
C SER A 45 9.47 7.81 9.94
N ALA A 46 10.67 7.26 9.74
CA ALA A 46 11.55 7.74 8.69
C ALA A 46 10.97 7.52 7.30
N TYR A 47 9.97 6.64 7.18
CA TYR A 47 9.33 6.36 5.91
C TYR A 47 8.08 7.20 5.68
N GLN A 48 7.78 8.11 6.60
CA GLN A 48 6.59 8.97 6.48
C GLN A 48 6.57 9.68 5.14
N GLY A 49 5.38 9.76 4.54
CA GLY A 49 5.20 10.41 3.27
C GLY A 49 5.51 9.57 2.06
N GLY A 50 6.10 8.39 2.23
CA GLY A 50 6.43 7.54 1.11
C GLY A 50 5.31 6.57 0.76
N VAL A 51 5.18 6.30 -0.53
CA VAL A 51 4.26 5.28 -1.04
C VAL A 51 5.10 4.10 -1.51
N PHE A 52 4.82 2.92 -0.95
CA PHE A 52 5.60 1.73 -1.23
C PHE A 52 4.70 0.69 -1.89
N PHE A 53 5.10 0.24 -3.09
CA PHE A 53 4.35 -0.75 -3.84
C PHE A 53 4.88 -2.15 -3.56
N LEU A 54 3.96 -3.10 -3.45
CA LEU A 54 4.32 -4.50 -3.22
C LEU A 54 3.55 -5.38 -4.19
N THR A 55 4.11 -6.56 -4.46
CA THR A 55 3.44 -7.60 -5.20
C THR A 55 2.95 -8.67 -4.24
N VAL A 56 1.83 -9.30 -4.58
CA VAL A 56 1.25 -10.38 -3.80
C VAL A 56 0.90 -11.51 -4.76
N HIS A 57 1.56 -12.65 -4.59
CA HIS A 57 1.34 -13.84 -5.41
CA HIS A 57 1.34 -13.84 -5.41
C HIS A 57 0.74 -14.91 -4.51
N PHE A 58 -0.55 -15.24 -4.74
CA PHE A 58 -1.22 -16.24 -3.92
C PHE A 58 -0.87 -17.65 -4.39
N PRO A 59 -0.67 -18.60 -3.48
CA PRO A 59 -0.55 -20.00 -3.88
C PRO A 59 -1.91 -20.63 -4.08
N THR A 60 -1.94 -21.72 -4.84
CA THR A 60 -3.19 -22.42 -5.08
C THR A 60 -3.73 -23.10 -3.83
N ASP A 61 -2.87 -23.35 -2.84
CA ASP A 61 -3.30 -23.92 -1.56
C ASP A 61 -3.74 -22.85 -0.57
N TYR A 62 -3.70 -21.57 -0.96
CA TYR A 62 -4.21 -20.51 -0.10
C TYR A 62 -5.60 -20.89 0.40
N PRO A 63 -5.94 -20.58 1.67
CA PRO A 63 -5.18 -19.85 2.69
C PRO A 63 -4.27 -20.71 3.58
N PHE A 64 -4.05 -21.97 3.22
CA PHE A 64 -3.23 -22.86 4.03
C PHE A 64 -1.74 -22.74 3.73
N LYS A 65 -1.37 -21.93 2.76
CA LYS A 65 0.02 -21.54 2.55
C LYS A 65 0.08 -20.03 2.41
N PRO A 66 1.16 -19.40 2.88
CA PRO A 66 1.22 -17.94 2.89
C PRO A 66 1.31 -17.39 1.47
N PRO A 67 0.97 -16.11 1.27
CA PRO A 67 1.22 -15.49 -0.03
C PRO A 67 2.65 -14.98 -0.12
N LYS A 68 3.18 -14.99 -1.34
CA LYS A 68 4.48 -14.40 -1.61
C LYS A 68 4.31 -12.89 -1.75
N ILE A 69 4.85 -12.13 -0.81
CA ILE A 69 4.73 -10.68 -0.80
C ILE A 69 6.14 -10.09 -0.83
N ALA A 70 6.38 -9.21 -1.80
CA ALA A 70 7.68 -8.57 -1.96
C ALA A 70 7.49 -7.11 -2.29
N PHE A 71 8.42 -6.28 -1.80
CA PHE A 71 8.46 -4.87 -2.17
C PHE A 71 8.93 -4.73 -3.62
N THR A 72 8.25 -3.85 -4.37
CA THR A 72 8.78 -3.40 -5.64
C THR A 72 9.41 -2.02 -5.54
N THR A 73 8.99 -1.22 -4.57
CA THR A 73 9.65 0.04 -4.28
C THR A 73 10.88 -0.20 -3.42
N LYS A 74 11.95 0.54 -3.71
CA LYS A 74 13.20 0.41 -2.97
C LYS A 74 13.06 1.07 -1.61
N ILE A 75 13.57 0.39 -0.58
CA ILE A 75 13.39 0.86 0.79
C ILE A 75 14.62 0.48 1.61
N TYR A 76 15.02 1.38 2.50
CA TYR A 76 16.18 1.18 3.36
C TYR A 76 15.70 0.55 4.67
N HIS A 77 16.06 -0.72 4.89
CA HIS A 77 15.52 -1.45 6.03
C HIS A 77 16.35 -2.71 6.28
N PRO A 78 16.60 -3.07 7.53
CA PRO A 78 17.43 -4.27 7.77
C PRO A 78 16.74 -5.58 7.45
N ASN A 79 15.41 -5.62 7.38
CA ASN A 79 14.68 -6.85 7.11
C ASN A 79 14.12 -6.92 5.70
N ILE A 80 14.48 -5.96 4.83
CA ILE A 80 14.06 -5.95 3.44
C ILE A 80 15.29 -5.68 2.59
N ASN A 81 15.58 -6.58 1.65
CA ASN A 81 16.78 -6.48 0.84
C ASN A 81 16.46 -5.83 -0.50
N SER A 82 17.49 -5.71 -1.35
CA SER A 82 17.36 -5.01 -2.62
C SER A 82 16.41 -5.71 -3.58
N ASN A 83 16.14 -7.01 -3.39
CA ASN A 83 15.17 -7.71 -4.20
C ASN A 83 13.75 -7.54 -3.72
N GLY A 84 13.53 -6.74 -2.67
CA GLY A 84 12.21 -6.57 -2.11
C GLY A 84 11.73 -7.71 -1.24
N SER A 85 12.57 -8.69 -0.97
CA SER A 85 12.17 -9.80 -0.12
C SER A 85 12.08 -9.35 1.34
N ILE A 86 11.06 -9.85 2.03
CA ILE A 86 10.76 -9.43 3.40
C ILE A 86 11.00 -10.62 4.32
N CYS A 87 11.73 -10.38 5.42
CA CYS A 87 11.94 -11.37 6.46
C CYS A 87 10.92 -11.10 7.55
N LEU A 88 9.84 -11.90 7.56
CA LEU A 88 8.73 -11.72 8.48
C LEU A 88 8.12 -13.10 8.75
N ASP A 89 8.02 -13.47 10.03
CA ASP A 89 7.74 -14.85 10.37
C ASP A 89 6.37 -15.30 9.88
N ILE A 90 5.37 -14.42 9.94
CA ILE A 90 4.03 -14.83 9.53
C ILE A 90 3.97 -15.13 8.04
N LEU A 91 4.94 -14.68 7.25
CA LEU A 91 5.02 -15.05 5.85
C LEU A 91 5.73 -16.37 5.62
N ARG A 92 6.28 -16.98 6.67
CA ARG A 92 6.96 -18.27 6.51
C ARG A 92 6.42 -19.29 7.52
N SER A 93 7.07 -19.41 8.67
CA SER A 93 6.74 -20.48 9.61
C SER A 93 5.50 -20.17 10.43
N GLN A 94 5.21 -18.90 10.68
CA GLN A 94 4.10 -18.52 11.55
C GLN A 94 2.85 -18.14 10.75
N TRP A 95 2.76 -18.53 9.49
CA TRP A 95 1.54 -18.26 8.73
C TRP A 95 0.36 -19.00 9.35
N SER A 96 -0.83 -18.42 9.16
CA SER A 96 -2.07 -19.01 9.64
C SER A 96 -3.17 -18.72 8.65
N PRO A 97 -4.08 -19.67 8.41
CA PRO A 97 -5.18 -19.42 7.46
C PRO A 97 -6.15 -18.35 7.94
N ALA A 98 -6.06 -17.92 9.19
CA ALA A 98 -6.86 -16.80 9.67
C ALA A 98 -6.26 -15.45 9.29
N LEU A 99 -5.03 -15.43 8.78
CA LEU A 99 -4.41 -14.19 8.33
C LEU A 99 -4.94 -13.79 6.97
N THR A 100 -4.96 -12.48 6.73
CA THR A 100 -5.34 -11.92 5.44
C THR A 100 -4.19 -11.09 4.89
N VAL A 101 -4.24 -10.80 3.59
CA VAL A 101 -3.26 -9.91 3.00
C VAL A 101 -3.25 -8.58 3.73
N SER A 102 -4.44 -8.07 4.08
CA SER A 102 -4.52 -6.80 4.77
C SER A 102 -3.81 -6.85 6.13
N LYS A 103 -4.03 -7.91 6.90
CA LYS A 103 -3.35 -8.04 8.18
C LYS A 103 -1.85 -8.18 7.97
N VAL A 104 -1.43 -8.92 6.95
CA VAL A 104 0.00 -9.05 6.67
C VAL A 104 0.59 -7.69 6.33
N LEU A 105 -0.13 -6.89 5.54
CA LEU A 105 0.39 -5.57 5.17
C LEU A 105 0.49 -4.66 6.38
N LEU A 106 -0.44 -4.77 7.33
CA LEU A 106 -0.33 -3.96 8.55
C LEU A 106 0.87 -4.40 9.37
N SER A 107 1.18 -5.69 9.39
CA SER A 107 2.37 -6.17 10.08
C SER A 107 3.64 -5.64 9.42
N ILE A 108 3.65 -5.55 8.09
CA ILE A 108 4.78 -4.97 7.39
C ILE A 108 4.94 -3.50 7.78
N CYS A 109 3.82 -2.78 7.87
CA CYS A 109 3.88 -1.40 8.38
C CYS A 109 4.45 -1.37 9.79
N SER A 110 4.02 -2.28 10.65
CA SER A 110 4.58 -2.36 11.99
C SER A 110 6.07 -2.63 11.95
N LEU A 111 6.53 -3.42 10.97
CA LEU A 111 7.95 -3.71 10.84
C LEU A 111 8.73 -2.49 10.36
N LEU A 112 8.11 -1.62 9.56
CA LEU A 112 8.76 -0.36 9.20
C LEU A 112 8.90 0.56 10.41
N CYS A 113 7.92 0.53 11.32
CA CYS A 113 7.98 1.39 12.49
C CYS A 113 8.99 0.87 13.52
N ASP A 114 9.21 -0.44 13.56
CA ASP A 114 10.14 -1.05 14.50
C ASP A 114 10.89 -2.17 13.79
N PRO A 115 11.96 -1.84 13.06
CA PRO A 115 12.77 -2.89 12.43
C PRO A 115 13.24 -3.93 13.44
N ASN A 116 13.53 -5.14 12.95
CA ASN A 116 14.04 -6.20 13.81
C ASN A 116 15.53 -6.38 13.53
N PRO A 117 16.42 -5.84 14.37
CA PRO A 117 17.86 -6.00 14.10
C PRO A 117 18.37 -7.41 14.36
N ASP A 118 17.55 -8.30 14.91
CA ASP A 118 17.96 -9.67 15.20
C ASP A 118 17.70 -10.62 14.04
N ASP A 119 17.07 -10.15 12.96
CA ASP A 119 16.90 -10.92 11.74
C ASP A 119 17.54 -10.16 10.58
N PRO A 120 18.86 -9.98 10.59
CA PRO A 120 19.48 -9.05 9.64
C PRO A 120 19.54 -9.61 8.23
N LEU A 121 18.51 -9.31 7.43
CA LEU A 121 18.58 -9.63 6.01
C LEU A 121 19.57 -8.72 5.30
N VAL A 122 19.80 -7.53 5.83
CA VAL A 122 20.86 -6.64 5.38
C VAL A 122 21.73 -6.33 6.59
N PRO A 123 22.78 -7.11 6.86
CA PRO A 123 23.55 -6.91 8.11
C PRO A 123 24.01 -5.48 8.33
N ASP A 124 24.49 -4.81 7.28
CA ASP A 124 25.01 -3.45 7.45
C ASP A 124 23.92 -2.54 8.02
N ILE A 125 22.74 -2.52 7.38
CA ILE A 125 21.67 -1.65 7.85
C ILE A 125 21.23 -2.03 9.25
N ALA A 126 21.26 -3.32 9.58
CA ALA A 126 20.88 -3.75 10.92
C ALA A 126 21.87 -3.23 11.96
N GLN A 127 23.17 -3.25 11.64
CA GLN A 127 24.16 -2.72 12.57
C GLN A 127 23.95 -1.24 12.81
N ILE A 128 23.63 -0.48 11.76
CA ILE A 128 23.43 0.95 11.90
C ILE A 128 22.20 1.26 12.74
N TYR A 129 21.14 0.47 12.56
CA TYR A 129 19.93 0.66 13.37
C TYR A 129 20.24 0.47 14.84
N LYS A 130 21.10 -0.49 15.17
CA LYS A 130 21.53 -0.67 16.56
C LYS A 130 22.47 0.45 16.98
N SER A 131 23.45 0.79 16.13
CA SER A 131 24.54 1.65 16.53
C SER A 131 24.10 3.12 16.62
N ASP A 132 23.43 3.61 15.59
CA ASP A 132 23.23 5.05 15.43
C ASP A 132 21.86 5.28 14.77
N LYS A 133 20.86 5.57 15.58
CA LYS A 133 19.52 5.82 15.06
C LYS A 133 19.51 7.05 14.15
N GLU A 134 20.25 8.09 14.52
CA GLU A 134 20.29 9.31 13.71
C GLU A 134 20.72 8.99 12.29
N LYS A 135 21.82 8.26 12.13
CA LYS A 135 22.29 7.89 10.80
C LYS A 135 21.25 7.03 10.08
N TYR A 136 20.72 6.02 10.78
CA TYR A 136 19.71 5.14 10.17
C TYR A 136 18.53 5.96 9.68
N ASN A 137 17.98 6.82 10.54
CA ASN A 137 16.82 7.60 10.15
C ASN A 137 17.12 8.50 8.96
N ARG A 138 18.35 9.02 8.88
CA ARG A 138 18.74 9.85 7.75
C ARG A 138 18.70 9.06 6.45
N HIS A 139 19.37 7.90 6.43
CA HIS A 139 19.39 7.07 5.23
C HIS A 139 17.98 6.62 4.86
N ALA A 140 17.19 6.21 5.85
CA ALA A 140 15.82 5.77 5.57
C ALA A 140 14.97 6.93 5.05
N ARG A 141 15.19 8.14 5.58
CA ARG A 141 14.49 9.31 5.05
C ARG A 141 14.91 9.59 3.61
N GLU A 142 16.20 9.49 3.32
CA GLU A 142 16.70 9.81 1.99
C GLU A 142 16.19 8.84 0.94
N TRP A 143 16.21 7.54 1.24
CA TRP A 143 15.67 6.56 0.29
C TRP A 143 14.18 6.75 0.09
N THR A 144 13.46 7.17 1.14
CA THR A 144 12.03 7.44 0.99
C THR A 144 11.81 8.58 0.00
N GLN A 145 12.52 9.70 0.20
CA GLN A 145 12.38 10.83 -0.71
C GLN A 145 12.85 10.46 -2.12
N LYS A 146 13.88 9.62 -2.23
CA LYS A 146 14.44 9.31 -3.53
C LYS A 146 13.57 8.34 -4.31
N TYR A 147 13.13 7.26 -3.67
CA TYR A 147 12.50 6.15 -4.38
C TYR A 147 11.00 6.03 -4.15
N ALA A 148 10.44 6.66 -3.12
CA ALA A 148 9.05 6.41 -2.74
C ALA A 148 8.17 7.66 -2.76
N MET A 149 8.67 8.78 -3.25
CA MET A 149 7.88 10.00 -3.30
C MET A 149 7.87 10.60 -4.70
N ASP B 11 -25.94 12.84 -13.79
CA ASP B 11 -24.53 12.71 -14.24
C ASP B 11 -23.56 12.75 -13.06
N LYS B 12 -23.80 13.63 -12.10
CA LYS B 12 -22.94 13.74 -10.94
C LYS B 12 -23.08 12.50 -10.05
N MET B 13 -22.00 12.17 -9.35
CA MET B 13 -21.99 11.00 -8.48
C MET B 13 -21.03 11.24 -7.33
N GLN B 14 -21.08 10.35 -6.33
CA GLN B 14 -20.33 10.50 -5.11
C GLN B 14 -19.28 9.40 -5.01
N ILE B 15 -18.06 9.77 -4.64
CA ILE B 15 -17.00 8.81 -4.37
C ILE B 15 -16.36 9.16 -3.04
N PHE B 16 -15.63 8.20 -2.48
CA PHE B 16 -14.91 8.38 -1.23
C PHE B 16 -13.41 8.41 -1.50
N VAL B 17 -12.70 9.26 -0.76
CA VAL B 17 -11.24 9.34 -0.83
C VAL B 17 -10.72 9.05 0.57
N LYS B 18 -10.04 7.92 0.73
CA LYS B 18 -9.51 7.49 2.01
C LYS B 18 -8.08 7.96 2.14
N LYS B 19 -7.83 8.85 3.09
CA LYS B 19 -6.45 9.26 3.39
C LYS B 19 -5.75 8.14 4.14
N PHE B 20 -4.57 7.75 3.63
CA PHE B 20 -3.75 6.77 4.34
C PHE B 20 -3.57 7.20 5.79
N TRP B 21 -3.78 6.27 6.71
CA TRP B 21 -3.69 6.54 8.14
C TRP B 21 -4.63 7.65 8.58
N GLY B 22 -5.67 7.95 7.79
CA GLY B 22 -6.53 9.08 8.06
C GLY B 22 -8.00 8.85 7.83
N LYS B 23 -8.77 9.95 7.76
CA LYS B 23 -10.21 9.88 7.63
C LYS B 23 -10.61 9.80 6.16
N THR B 24 -11.92 9.75 5.91
CA THR B 24 -12.47 9.59 4.58
C THR B 24 -13.10 10.90 4.12
N ILE B 25 -12.73 11.34 2.92
CA ILE B 25 -13.31 12.50 2.27
C ILE B 25 -14.39 12.02 1.32
N THR B 26 -15.45 12.82 1.18
CA THR B 26 -16.49 12.57 0.20
C THR B 26 -16.46 13.66 -0.86
N LEU B 27 -16.52 13.25 -2.13
CA LEU B 27 -16.50 14.18 -3.25
C LEU B 27 -17.69 13.91 -4.16
N GLU B 28 -18.18 14.97 -4.80
CA GLU B 28 -19.13 14.87 -5.89
C GLU B 28 -18.36 15.05 -7.20
N VAL B 29 -18.37 14.02 -8.04
CA VAL B 29 -17.58 14.01 -9.26
C VAL B 29 -18.47 13.57 -10.42
N GLU B 30 -17.92 13.70 -11.62
CA GLU B 30 -18.50 13.14 -12.83
C GLU B 30 -17.52 12.15 -13.45
N PRO B 31 -18.01 11.09 -14.09
CA PRO B 31 -17.08 10.13 -14.72
C PRO B 31 -16.08 10.78 -15.65
N SER B 32 -16.42 11.94 -16.23
CA SER B 32 -15.52 12.61 -17.16
C SER B 32 -14.45 13.44 -16.46
N ASP B 33 -14.53 13.60 -15.13
CA ASP B 33 -13.50 14.35 -14.42
C ASP B 33 -12.15 13.65 -14.52
N THR B 34 -11.10 14.42 -14.76
CA THR B 34 -9.76 13.88 -14.75
C THR B 34 -9.30 13.63 -13.32
N ILE B 35 -8.29 12.78 -13.17
CA ILE B 35 -7.65 12.60 -11.87
C ILE B 35 -7.16 13.95 -11.36
N GLU B 36 -6.69 14.81 -12.26
CA GLU B 36 -6.27 16.15 -11.86
C GLU B 36 -7.44 16.95 -11.32
N ASN B 37 -8.61 16.86 -11.96
CA ASN B 37 -9.80 17.52 -11.43
C ASN B 37 -10.08 17.07 -10.01
N VAL B 38 -10.01 15.75 -9.78
CA VAL B 38 -10.26 15.21 -8.44
C VAL B 38 -9.29 15.83 -7.44
N LYS B 39 -8.01 15.94 -7.81
CA LYS B 39 -7.02 16.56 -6.94
C LYS B 39 -7.41 17.99 -6.61
N ALA B 40 -7.90 18.74 -7.61
CA ALA B 40 -8.35 20.11 -7.37
C ALA B 40 -9.50 20.14 -6.39
N LYS B 41 -10.43 19.18 -6.49
CA LYS B 41 -11.53 19.08 -5.54
C LYS B 41 -11.01 18.80 -4.13
N ILE B 42 -10.03 17.91 -4.02
CA ILE B 42 -9.46 17.61 -2.71
C ILE B 42 -8.81 18.87 -2.13
N GLN B 43 -8.22 19.71 -2.97
CA GLN B 43 -7.65 20.96 -2.49
C GLN B 43 -8.74 21.90 -2.00
N ASP B 44 -9.92 21.87 -2.63
CA ASP B 44 -11.01 22.72 -2.18
C ASP B 44 -11.42 22.37 -0.75
N LYS B 45 -11.56 21.07 -0.45
CA LYS B 45 -12.05 20.65 0.86
C LYS B 45 -10.94 20.66 1.91
N GLU B 46 -9.72 20.27 1.53
CA GLU B 46 -8.66 20.02 2.50
C GLU B 46 -7.50 21.00 2.41
N GLY B 47 -7.37 21.76 1.32
CA GLY B 47 -6.25 22.67 1.16
C GLY B 47 -4.96 22.01 0.75
N ILE B 48 -4.95 20.71 0.51
CA ILE B 48 -3.76 19.99 0.07
C ILE B 48 -3.49 20.34 -1.38
N PRO B 49 -2.31 20.86 -1.73
CA PRO B 49 -2.06 21.22 -3.14
C PRO B 49 -1.98 19.98 -4.00
N PRO B 50 -2.49 20.04 -5.24
CA PRO B 50 -2.45 18.84 -6.11
C PRO B 50 -1.07 18.23 -6.28
N ASP B 51 -0.02 19.03 -6.43
CA ASP B 51 1.30 18.45 -6.70
C ASP B 51 1.88 17.72 -5.49
N GLN B 52 1.20 17.74 -4.35
CA GLN B 52 1.55 16.91 -3.21
C GLN B 52 0.61 15.72 -3.04
N GLN B 53 -0.30 15.51 -3.99
CA GLN B 53 -1.28 14.44 -3.92
C GLN B 53 -0.92 13.33 -4.90
N ARG B 54 -1.12 12.08 -4.46
CA ARG B 54 -1.13 10.93 -5.35
C ARG B 54 -2.38 10.13 -5.04
N LEU B 55 -3.18 9.85 -6.06
CA LEU B 55 -4.42 9.10 -5.89
C LEU B 55 -4.21 7.66 -6.31
N ILE B 56 -4.73 6.74 -5.50
CA ILE B 56 -4.51 5.31 -5.64
C ILE B 56 -5.87 4.61 -5.72
N PHE B 57 -5.96 3.60 -6.57
CA PHE B 57 -7.13 2.73 -6.57
C PHE B 57 -6.69 1.28 -6.72
N ALA B 58 -7.12 0.44 -5.78
CA ALA B 58 -6.85 -1.00 -5.82
C ALA B 58 -5.39 -1.28 -6.11
N GLY B 59 -4.51 -0.55 -5.42
CA GLY B 59 -3.09 -0.77 -5.52
C GLY B 59 -2.40 -0.10 -6.69
N LYS B 60 -3.13 0.62 -7.53
CA LYS B 60 -2.56 1.27 -8.70
C LYS B 60 -2.63 2.79 -8.56
N GLN B 61 -1.54 3.46 -8.92
CA GLN B 61 -1.52 4.91 -8.92
C GLN B 61 -2.22 5.43 -10.17
N LEU B 62 -3.07 6.43 -9.98
CA LEU B 62 -3.88 6.97 -11.07
C LEU B 62 -3.13 8.12 -11.75
N GLU B 63 -3.14 8.12 -13.08
CA GLU B 63 -2.42 9.13 -13.85
C GLU B 63 -3.27 10.40 -13.98
N ASP B 64 -2.59 11.55 -13.87
CA ASP B 64 -3.30 12.82 -13.73
C ASP B 64 -4.18 13.12 -14.93
N GLY B 65 -3.76 12.71 -16.13
CA GLY B 65 -4.47 13.09 -17.34
C GLY B 65 -5.67 12.23 -17.67
N ARG B 66 -5.81 11.07 -17.04
CA ARG B 66 -6.95 10.20 -17.33
C ARG B 66 -8.17 10.58 -16.50
N THR B 67 -9.32 10.05 -16.89
CA THR B 67 -10.58 10.31 -16.21
C THR B 67 -10.96 9.15 -15.31
N LEU B 68 -11.88 9.42 -14.39
CA LEU B 68 -12.46 8.35 -13.58
C LEU B 68 -13.09 7.29 -14.47
N SER B 69 -13.73 7.72 -15.55
CA SER B 69 -14.32 6.77 -16.50
C SER B 69 -13.27 5.81 -17.04
N ASP B 70 -12.09 6.33 -17.39
CA ASP B 70 -11.04 5.48 -17.92
C ASP B 70 -10.66 4.36 -16.96
N TYR B 71 -10.74 4.61 -15.66
CA TYR B 71 -10.45 3.61 -14.65
C TYR B 71 -11.70 2.87 -14.18
N ASN B 72 -12.84 3.09 -14.84
CA ASN B 72 -14.08 2.41 -14.50
C ASN B 72 -14.47 2.64 -13.04
N ILE B 73 -14.12 3.79 -12.50
CA ILE B 73 -14.46 4.13 -11.12
C ILE B 73 -15.89 4.64 -11.08
N GLN B 74 -16.71 4.03 -10.24
CA GLN B 74 -18.16 4.22 -10.25
C GLN B 74 -18.64 4.75 -8.90
N LYS B 75 -19.96 4.88 -8.81
CA LYS B 75 -20.64 5.36 -7.62
C LYS B 75 -20.13 4.67 -6.37
N LYS B 76 -19.76 5.47 -5.37
CA LYS B 76 -19.39 5.02 -4.03
C LYS B 76 -18.11 4.20 -3.99
N PHE B 77 -17.34 4.15 -5.07
CA PHE B 77 -16.01 3.58 -5.01
C PHE B 77 -15.14 4.40 -4.05
N THR B 78 -14.05 3.79 -3.60
CA THR B 78 -13.15 4.43 -2.65
C THR B 78 -11.76 4.53 -3.26
N LEU B 79 -11.28 5.76 -3.41
CA LEU B 79 -9.88 6.01 -3.76
C LEU B 79 -9.07 6.22 -2.49
N TYR B 80 -7.75 6.14 -2.63
CA TYR B 80 -6.82 6.42 -1.56
C TYR B 80 -5.98 7.64 -1.91
N LEU B 81 -5.72 8.48 -0.92
CA LEU B 81 -4.96 9.71 -1.09
C LEU B 81 -3.67 9.62 -0.30
N ALA B 82 -2.55 9.71 -0.99
CA ALA B 82 -1.24 9.86 -0.37
C ALA B 82 -0.79 11.30 -0.50
N TYR B 83 -0.41 11.92 0.61
CA TYR B 83 0.06 13.29 0.61
C TYR B 83 1.30 13.40 1.48
N GLY B 84 2.32 14.07 0.95
CA GLY B 84 3.60 14.18 1.63
C GLY B 84 4.40 15.37 1.14
#